data_6TPL
#
_entry.id   6TPL
#
_cell.length_a   33.737
_cell.length_b   45.325
_cell.length_c   67.561
_cell.angle_alpha   97.076
_cell.angle_beta   97.550
_cell.angle_gamma   99.902
#
_symmetry.space_group_name_H-M   'P 1'
#
loop_
_entity.id
_entity.type
_entity.pdbx_description
1 polymer Intimin
2 non-polymer 'MAGNESIUM ION'
3 non-polymer 'CHLORIDE ION'
4 water water
#
_entity_poly.entity_id   1
_entity_poly.type   'polypeptide(L)'
_entity_poly.pdbx_seq_one_letter_code
;VDQVGVTDFTADKTSAKADGTEAITYTATVKKNGVAQANVPVSFNIVSGTAVLSANSANTNGSGKATVTLKSDKPGQVVV
SAKTAEMTSALNANAVIFVDQTKASITEIKADKTTAVANGQDAITYTVKVMKGDKPVSNQEVTFTTTLGKLSNSTEKTDT
NGYAKVTLTSTTPGKSLVSARVSDVAVDVKAPEVEFFTT
;
_entity_poly.pdbx_strand_id   A,B
#
loop_
_chem_comp.id
_chem_comp.type
_chem_comp.name
_chem_comp.formula
CL non-polymer 'CHLORIDE ION' 'Cl -1'
MG non-polymer 'MAGNESIUM ION' 'Mg 2'
#
# COMPACT_ATOMS: atom_id res chain seq x y z
N VAL A 1 -18.46 11.91 -12.66
CA VAL A 1 -19.81 11.38 -12.76
C VAL A 1 -20.54 12.04 -13.92
N ASP A 2 -21.21 11.22 -14.73
CA ASP A 2 -21.89 11.68 -15.94
C ASP A 2 -20.92 12.37 -16.91
N GLN A 3 -19.63 12.09 -16.79
CA GLN A 3 -18.64 12.60 -17.72
C GLN A 3 -17.84 11.44 -18.30
N VAL A 4 -17.66 11.47 -19.62
CA VAL A 4 -16.78 10.52 -20.30
C VAL A 4 -15.34 10.83 -19.92
N GLY A 5 -14.60 9.80 -19.50
CA GLY A 5 -13.23 10.01 -19.08
C GLY A 5 -12.38 8.76 -19.16
N VAL A 6 -11.08 8.98 -19.23
CA VAL A 6 -10.11 7.90 -19.21
C VAL A 6 -9.96 7.40 -17.78
N THR A 7 -10.32 6.14 -17.54
CA THR A 7 -10.22 5.55 -16.23
C THR A 7 -8.94 4.76 -16.02
N ASP A 8 -8.26 4.36 -17.09
CA ASP A 8 -7.05 3.57 -17.01
C ASP A 8 -6.22 3.85 -18.25
N PHE A 9 -4.90 3.97 -18.06
CA PHE A 9 -3.97 4.20 -19.17
C PHE A 9 -2.71 3.43 -18.81
N THR A 10 -2.52 2.27 -19.45
CA THR A 10 -1.45 1.34 -19.12
C THR A 10 -0.69 0.96 -20.38
N ALA A 11 0.52 0.43 -20.19
CA ALA A 11 1.36 -0.04 -21.28
C ALA A 11 1.59 -1.55 -21.14
N ASP A 12 1.91 -2.19 -22.26
CA ASP A 12 2.16 -3.63 -22.27
C ASP A 12 3.56 -3.99 -21.82
N LYS A 13 4.44 -3.01 -21.67
CA LYS A 13 5.82 -3.21 -21.25
C LYS A 13 6.23 -2.04 -20.37
N THR A 14 7.18 -2.28 -19.46
CA THR A 14 7.77 -1.17 -18.72
C THR A 14 8.98 -0.57 -19.42
N SER A 15 9.58 -1.28 -20.38
CA SER A 15 10.76 -0.78 -21.06
C SER A 15 10.88 -1.40 -22.44
N ALA A 16 11.73 -0.79 -23.26
CA ALA A 16 11.99 -1.27 -24.61
C ALA A 16 13.38 -0.81 -25.03
N LYS A 17 13.86 -1.39 -26.12
CA LYS A 17 15.16 -1.01 -26.66
C LYS A 17 15.07 0.39 -27.27
N ALA A 18 16.14 1.16 -27.08
CA ALA A 18 16.21 2.53 -27.61
C ALA A 18 16.72 2.49 -29.04
N ASP A 19 16.17 1.60 -29.87
CA ASP A 19 16.56 1.45 -31.26
C ASP A 19 15.59 2.11 -32.23
N GLY A 20 14.54 2.74 -31.72
CA GLY A 20 13.52 3.30 -32.59
C GLY A 20 12.64 2.29 -33.27
N THR A 21 12.77 1.01 -32.92
CA THR A 21 12.00 -0.05 -33.56
C THR A 21 11.05 -0.76 -32.61
N GLU A 22 11.55 -1.22 -31.46
CA GLU A 22 10.67 -1.88 -30.51
C GLU A 22 9.61 -0.90 -30.02
N ALA A 23 8.36 -1.37 -29.95
CA ALA A 23 7.24 -0.52 -29.60
C ALA A 23 6.72 -0.87 -28.20
N ILE A 24 6.37 0.17 -27.45
CA ILE A 24 5.56 0.04 -26.24
C ILE A 24 4.14 0.45 -26.59
N THR A 25 3.18 -0.44 -26.34
CA THR A 25 1.79 -0.20 -26.72
C THR A 25 0.97 0.17 -25.50
N TYR A 26 0.32 1.34 -25.55
CA TYR A 26 -0.52 1.84 -24.48
C TYR A 26 -1.98 1.58 -24.79
N THR A 27 -2.78 1.33 -23.75
CA THR A 27 -4.22 1.20 -23.88
C THR A 27 -4.90 2.18 -22.93
N ALA A 28 -5.72 3.06 -23.49
CA ALA A 28 -6.59 3.92 -22.70
C ALA A 28 -7.99 3.30 -22.65
N THR A 29 -8.57 3.23 -21.45
CA THR A 29 -9.94 2.79 -21.26
C THR A 29 -10.79 4.00 -20.90
N VAL A 30 -11.94 4.13 -21.56
CA VAL A 30 -12.81 5.28 -21.41
C VAL A 30 -14.16 4.78 -20.91
N LYS A 31 -14.64 5.36 -19.82
CA LYS A 31 -15.92 4.99 -19.22
C LYS A 31 -16.69 6.25 -18.84
N LYS A 32 -18.01 6.09 -18.75
CA LYS A 32 -18.89 7.05 -18.10
C LYS A 32 -19.70 6.28 -17.07
N ASN A 33 -19.56 6.64 -15.80
CA ASN A 33 -20.24 5.93 -14.72
C ASN A 33 -19.97 4.43 -14.80
N GLY A 34 -18.73 4.09 -15.12
CA GLY A 34 -18.31 2.71 -15.17
C GLY A 34 -18.66 1.97 -16.43
N VAL A 35 -19.37 2.60 -17.36
CA VAL A 35 -19.81 1.95 -18.60
C VAL A 35 -18.87 2.33 -19.72
N ALA A 36 -18.39 1.32 -20.45
CA ALA A 36 -17.50 1.55 -21.58
C ALA A 36 -18.14 2.52 -22.56
N GLN A 37 -17.30 3.40 -23.13
CA GLN A 37 -17.73 4.40 -24.08
C GLN A 37 -17.04 4.15 -25.42
N ALA A 38 -17.83 3.94 -26.46
CA ALA A 38 -17.30 3.68 -27.79
C ALA A 38 -17.23 4.97 -28.61
N ASN A 39 -16.31 4.98 -29.58
CA ASN A 39 -16.22 6.03 -30.58
C ASN A 39 -15.83 7.38 -29.98
N VAL A 40 -15.09 7.38 -28.89
CA VAL A 40 -14.66 8.60 -28.21
C VAL A 40 -13.22 8.88 -28.58
N PRO A 41 -12.90 10.09 -29.06
CA PRO A 41 -11.48 10.41 -29.36
C PRO A 41 -10.66 10.57 -28.09
N VAL A 42 -9.54 9.86 -28.03
CA VAL A 42 -8.58 9.95 -26.94
C VAL A 42 -7.33 10.62 -27.48
N SER A 43 -6.89 11.69 -26.81
CA SER A 43 -5.70 12.44 -27.23
C SER A 43 -4.50 11.94 -26.45
N PHE A 44 -3.41 11.64 -27.16
CA PHE A 44 -2.18 11.14 -26.57
C PHE A 44 -1.07 12.18 -26.70
N ASN A 45 -0.28 12.34 -25.64
CA ASN A 45 0.80 13.32 -25.63
C ASN A 45 2.01 12.78 -24.89
N ILE A 46 3.19 13.15 -25.39
CA ILE A 46 4.44 12.89 -24.67
C ILE A 46 4.64 14.04 -23.70
N VAL A 47 4.43 13.77 -22.40
CA VAL A 47 4.58 14.81 -21.39
C VAL A 47 6.05 15.15 -21.18
N SER A 48 6.91 14.13 -21.11
CA SER A 48 8.34 14.34 -20.88
C SER A 48 9.10 13.19 -21.51
N GLY A 49 10.32 13.48 -21.96
CA GLY A 49 11.18 12.47 -22.56
C GLY A 49 11.26 12.63 -24.07
N THR A 50 12.07 11.75 -24.65
CA THR A 50 12.35 11.75 -26.08
C THR A 50 11.87 10.45 -26.69
N ALA A 51 10.88 10.53 -27.58
CA ALA A 51 10.27 9.36 -28.19
C ALA A 51 9.29 9.85 -29.27
N VAL A 52 8.68 8.91 -29.98
CA VAL A 52 7.72 9.23 -31.03
C VAL A 52 6.46 8.41 -30.82
N LEU A 53 5.32 9.09 -30.86
CA LEU A 53 4.01 8.44 -30.80
C LEU A 53 3.55 8.08 -32.20
N SER A 54 2.85 6.94 -32.32
CA SER A 54 2.32 6.56 -33.63
C SER A 54 1.13 7.41 -34.01
N ALA A 55 0.40 7.95 -33.03
CA ALA A 55 -0.78 8.75 -33.28
C ALA A 55 -0.96 9.73 -32.13
N ASN A 56 -1.63 10.85 -32.43
CA ASN A 56 -1.91 11.86 -31.44
C ASN A 56 -3.36 11.84 -30.96
N SER A 57 -4.22 11.09 -31.63
CA SER A 57 -5.62 11.00 -31.24
C SER A 57 -6.25 9.79 -31.91
N ALA A 58 -6.86 8.92 -31.11
CA ALA A 58 -7.49 7.70 -31.61
C ALA A 58 -8.81 7.50 -30.88
N ASN A 59 -9.77 6.93 -31.59
CA ASN A 59 -11.09 6.70 -31.03
C ASN A 59 -11.14 5.33 -30.36
N THR A 60 -11.88 5.26 -29.25
CA THR A 60 -12.10 3.98 -28.60
C THR A 60 -12.91 3.06 -29.49
N ASN A 61 -12.70 1.76 -29.31
CA ASN A 61 -13.46 0.77 -30.05
C ASN A 61 -14.75 0.47 -29.30
N GLY A 62 -15.42 -0.61 -29.67
CA GLY A 62 -16.68 -0.98 -29.04
C GLY A 62 -16.55 -1.46 -27.61
N SER A 63 -15.34 -1.67 -27.12
CA SER A 63 -15.10 -2.05 -25.73
C SER A 63 -14.62 -0.86 -24.91
N GLY A 64 -14.57 0.33 -25.51
CA GLY A 64 -14.12 1.51 -24.80
C GLY A 64 -12.61 1.65 -24.70
N LYS A 65 -11.86 1.05 -25.61
CA LYS A 65 -10.41 1.01 -25.54
C LYS A 65 -9.81 1.60 -26.80
N ALA A 66 -8.77 2.41 -26.61
CA ALA A 66 -8.03 3.05 -27.69
C ALA A 66 -6.54 2.86 -27.41
N THR A 67 -5.78 2.55 -28.46
CA THR A 67 -4.38 2.20 -28.31
C THR A 67 -3.49 3.16 -29.09
N VAL A 68 -2.20 3.12 -28.74
CA VAL A 68 -1.18 3.93 -29.40
C VAL A 68 0.16 3.29 -29.04
N THR A 69 1.17 3.49 -29.87
CA THR A 69 2.49 2.92 -29.62
C THR A 69 3.53 4.02 -29.49
N LEU A 70 4.64 3.65 -28.85
CA LEU A 70 5.74 4.55 -28.54
C LEU A 70 7.07 3.89 -28.86
N LYS A 71 7.94 4.63 -29.54
CA LYS A 71 9.28 4.16 -29.86
C LYS A 71 10.26 5.30 -29.58
N SER A 72 11.54 4.95 -29.47
CA SER A 72 12.54 5.96 -29.16
C SER A 72 13.92 5.50 -29.60
N ASP A 73 14.75 6.48 -29.98
CA ASP A 73 16.14 6.24 -30.33
C ASP A 73 17.09 6.69 -29.22
N LYS A 74 16.56 7.13 -28.08
CA LYS A 74 17.39 7.69 -27.02
C LYS A 74 17.13 6.95 -25.72
N PRO A 75 18.18 6.45 -25.05
CA PRO A 75 17.98 5.90 -23.70
C PRO A 75 17.43 6.98 -22.78
N GLY A 76 16.38 6.63 -22.03
CA GLY A 76 15.78 7.58 -21.12
C GLY A 76 14.39 7.16 -20.70
N GLN A 77 13.78 8.05 -19.92
CA GLN A 77 12.44 7.86 -19.38
C GLN A 77 11.44 8.68 -20.18
N VAL A 78 10.24 8.14 -20.36
CA VAL A 78 9.20 8.84 -21.11
C VAL A 78 7.87 8.69 -20.37
N VAL A 79 7.15 9.79 -20.28
CA VAL A 79 5.80 9.81 -19.71
C VAL A 79 4.83 10.20 -20.82
N VAL A 80 3.85 9.34 -21.09
CA VAL A 80 2.79 9.58 -22.07
C VAL A 80 1.49 9.77 -21.31
N SER A 81 0.62 10.64 -21.82
CA SER A 81 -0.67 10.91 -21.19
C SER A 81 -1.80 10.64 -22.17
N ALA A 82 -3.00 10.46 -21.62
CA ALA A 82 -4.23 10.24 -22.39
C ALA A 82 -5.32 11.13 -21.82
N LYS A 83 -6.17 11.68 -22.69
CA LYS A 83 -7.21 12.59 -22.25
C LYS A 83 -8.40 12.56 -23.20
N THR A 84 -9.59 12.74 -22.63
CA THR A 84 -10.81 13.00 -23.37
C THR A 84 -11.27 14.42 -23.09
N ALA A 85 -12.15 14.91 -23.96
CA ALA A 85 -12.46 16.34 -23.97
C ALA A 85 -12.94 16.84 -22.61
N GLU A 86 -13.75 16.05 -21.91
CA GLU A 86 -14.40 16.54 -20.70
C GLU A 86 -13.50 16.51 -19.47
N MET A 87 -12.35 15.84 -19.53
CA MET A 87 -11.45 15.79 -18.39
C MET A 87 -10.76 17.15 -18.22
N THR A 88 -10.60 17.57 -16.96
CA THR A 88 -9.87 18.80 -16.70
C THR A 88 -8.41 18.68 -17.10
N SER A 89 -7.79 17.55 -16.78
CA SER A 89 -6.38 17.33 -17.07
C SER A 89 -6.19 15.93 -17.61
N ALA A 90 -5.08 15.72 -18.32
CA ALA A 90 -4.78 14.41 -18.86
C ALA A 90 -4.39 13.45 -17.75
N LEU A 91 -4.54 12.16 -18.02
CA LEU A 91 -4.10 11.09 -17.13
C LEU A 91 -2.74 10.61 -17.60
N ASN A 92 -1.73 10.74 -16.75
CA ASN A 92 -0.39 10.29 -17.09
C ASN A 92 -0.27 8.79 -16.83
N ALA A 93 0.29 8.06 -17.80
CA ALA A 93 0.72 6.69 -17.53
C ALA A 93 1.99 6.72 -16.66
N ASN A 94 2.25 5.58 -16.01
CA ASN A 94 3.55 5.41 -15.37
C ASN A 94 4.64 5.62 -16.40
N ALA A 95 5.77 6.20 -15.98
CA ALA A 95 6.89 6.35 -16.89
C ALA A 95 7.33 4.98 -17.43
N VAL A 96 7.85 4.98 -18.64
CA VAL A 96 8.52 3.82 -19.22
C VAL A 96 9.96 4.24 -19.54
N ILE A 97 10.81 3.25 -19.81
CA ILE A 97 12.22 3.50 -20.06
C ILE A 97 12.64 2.82 -21.36
N PHE A 98 13.43 3.53 -22.16
CA PHE A 98 14.12 2.96 -23.31
C PHE A 98 15.60 2.81 -22.96
N VAL A 99 16.15 1.63 -23.23
CA VAL A 99 17.48 1.30 -22.74
C VAL A 99 18.39 0.97 -23.92
N ASP A 100 19.69 1.17 -23.70
CA ASP A 100 20.74 0.59 -24.51
C ASP A 100 20.91 -0.86 -24.07
N GLN A 101 20.53 -1.80 -24.95
CA GLN A 101 20.53 -3.21 -24.57
C GLN A 101 21.92 -3.71 -24.22
N THR A 102 22.98 -3.03 -24.67
CA THR A 102 24.31 -3.52 -24.39
C THR A 102 24.82 -3.13 -23.01
N LYS A 103 24.08 -2.29 -22.28
CA LYS A 103 24.56 -1.76 -21.00
C LYS A 103 23.58 -2.08 -19.88
N ALA A 104 24.12 -2.47 -18.72
CA ALA A 104 23.32 -2.68 -17.52
C ALA A 104 22.57 -1.39 -17.18
N SER A 105 21.25 -1.41 -17.36
CA SER A 105 20.43 -0.21 -17.20
C SER A 105 19.20 -0.52 -16.36
N ILE A 106 18.77 0.46 -15.58
CA ILE A 106 17.47 0.37 -14.92
C ILE A 106 16.38 0.29 -15.98
N THR A 107 15.50 -0.70 -15.85
CA THR A 107 14.37 -0.85 -16.76
C THR A 107 13.04 -0.52 -16.13
N GLU A 108 12.96 -0.49 -14.81
CA GLU A 108 11.71 -0.13 -14.15
C GLU A 108 11.97 0.32 -12.73
N ILE A 109 11.03 1.11 -12.21
CA ILE A 109 11.02 1.58 -10.83
C ILE A 109 9.54 1.66 -10.44
N LYS A 110 9.16 0.94 -9.39
CA LYS A 110 7.78 0.85 -8.96
C LYS A 110 7.68 1.14 -7.47
N ALA A 111 6.60 1.82 -7.08
CA ALA A 111 6.25 2.05 -5.68
C ALA A 111 5.03 1.21 -5.35
N ASP A 112 5.04 0.54 -4.19
CA ASP A 112 3.93 -0.33 -3.86
C ASP A 112 2.66 0.46 -3.53
N LYS A 113 2.79 1.71 -3.12
CA LYS A 113 1.65 2.59 -2.93
C LYS A 113 2.12 4.05 -3.09
N THR A 114 1.17 4.95 -3.34
CA THR A 114 1.50 6.34 -3.61
C THR A 114 1.20 7.26 -2.43
N THR A 115 0.74 6.72 -1.30
CA THR A 115 0.46 7.52 -0.12
C THR A 115 0.87 6.75 1.12
N ALA A 116 1.16 7.48 2.20
CA ALA A 116 1.52 6.86 3.46
C ALA A 116 1.37 7.88 4.59
N VAL A 117 1.30 7.37 5.82
CA VAL A 117 1.20 8.22 7.00
C VAL A 117 2.58 8.77 7.33
N ALA A 118 2.63 10.04 7.71
CA ALA A 118 3.90 10.70 8.02
C ALA A 118 4.24 10.52 9.51
N ASN A 119 4.41 9.27 9.91
CA ASN A 119 4.71 8.96 11.31
C ASN A 119 6.07 8.30 11.51
N GLY A 120 6.91 8.27 10.47
CA GLY A 120 8.22 7.67 10.57
C GLY A 120 8.24 6.16 10.56
N GLN A 121 7.08 5.52 10.41
CA GLN A 121 6.99 4.07 10.40
C GLN A 121 6.33 3.51 9.15
N ASP A 122 5.27 4.15 8.67
CA ASP A 122 4.55 3.69 7.49
C ASP A 122 5.43 3.83 6.26
N ALA A 123 5.85 2.71 5.70
CA ALA A 123 6.90 2.70 4.68
C ALA A 123 6.34 2.46 3.29
N ILE A 124 6.87 3.19 2.31
CA ILE A 124 6.63 2.95 0.89
C ILE A 124 7.83 2.22 0.32
N THR A 125 7.57 1.13 -0.39
CA THR A 125 8.61 0.26 -0.91
C THR A 125 8.82 0.55 -2.39
N TYR A 126 10.07 0.80 -2.77
CA TYR A 126 10.45 1.03 -4.15
C TYR A 126 11.28 -0.14 -4.64
N THR A 127 10.97 -0.64 -5.84
CA THR A 127 11.65 -1.78 -6.42
C THR A 127 12.14 -1.40 -7.81
N VAL A 128 13.45 -1.48 -8.01
CA VAL A 128 14.09 -1.19 -9.29
C VAL A 128 14.58 -2.50 -9.89
N LYS A 129 14.53 -2.60 -11.21
CA LYS A 129 15.07 -3.73 -11.94
C LYS A 129 16.15 -3.24 -12.89
N VAL A 130 17.24 -4.02 -12.99
CA VAL A 130 18.35 -3.71 -13.88
C VAL A 130 18.52 -4.87 -14.85
N MET A 131 18.68 -4.54 -16.13
CA MET A 131 18.81 -5.57 -17.16
C MET A 131 19.89 -5.19 -18.16
N LYS A 132 20.40 -6.22 -18.83
CA LYS A 132 21.36 -6.08 -19.92
C LYS A 132 21.10 -7.25 -20.86
N GLY A 133 20.99 -6.98 -22.15
CA GLY A 133 20.64 -8.02 -23.10
C GLY A 133 19.30 -8.64 -22.83
N ASP A 134 18.36 -7.88 -22.25
CA ASP A 134 17.03 -8.34 -21.91
C ASP A 134 17.05 -9.40 -20.82
N LYS A 135 18.16 -9.52 -20.11
CA LYS A 135 18.26 -10.40 -18.95
C LYS A 135 18.53 -9.60 -17.69
N PRO A 136 18.08 -10.07 -16.53
CA PRO A 136 18.38 -9.34 -15.29
C PRO A 136 19.86 -9.39 -14.95
N VAL A 137 20.33 -8.31 -14.30
CA VAL A 137 21.72 -8.19 -13.90
C VAL A 137 21.78 -8.28 -12.38
N SER A 138 22.59 -9.20 -11.88
CA SER A 138 22.79 -9.33 -10.45
C SER A 138 23.99 -8.51 -9.99
N ASN A 139 23.97 -8.14 -8.71
CA ASN A 139 25.11 -7.51 -8.04
C ASN A 139 25.49 -6.16 -8.65
N GLN A 140 24.51 -5.49 -9.24
CA GLN A 140 24.67 -4.13 -9.74
C GLN A 140 24.22 -3.15 -8.66
N GLU A 141 25.05 -2.15 -8.39
CA GLU A 141 24.74 -1.17 -7.35
C GLU A 141 23.75 -0.14 -7.88
N VAL A 142 22.55 -0.13 -7.31
CA VAL A 142 21.55 0.90 -7.57
C VAL A 142 21.59 1.91 -6.43
N THR A 143 21.77 3.18 -6.76
CA THR A 143 21.79 4.24 -5.76
C THR A 143 20.47 5.01 -5.83
N PHE A 144 19.87 5.22 -4.65
CA PHE A 144 18.57 5.87 -4.51
C PHE A 144 18.76 7.22 -3.80
N THR A 145 17.94 8.21 -4.17
CA THR A 145 17.87 9.48 -3.47
C THR A 145 16.41 9.87 -3.30
N THR A 146 16.15 10.81 -2.40
CA THR A 146 14.78 11.27 -2.17
C THR A 146 14.77 12.77 -1.87
N THR A 147 13.63 13.40 -2.15
CA THR A 147 13.41 14.80 -1.82
C THR A 147 12.71 14.99 -0.49
N LEU A 148 12.23 13.91 0.13
CA LEU A 148 11.53 13.98 1.40
C LEU A 148 11.60 12.61 2.07
N GLY A 149 11.90 12.61 3.36
CA GLY A 149 11.86 11.38 4.11
C GLY A 149 13.21 10.68 4.19
N LYS A 150 13.16 9.48 4.76
CA LYS A 150 14.35 8.71 5.09
C LYS A 150 14.31 7.38 4.33
N LEU A 151 15.31 7.16 3.49
CA LEU A 151 15.45 5.90 2.78
C LEU A 151 16.13 4.86 3.67
N SER A 152 15.71 3.60 3.51
CA SER A 152 16.31 2.52 4.30
C SER A 152 17.79 2.37 4.01
N ASN A 153 18.22 2.71 2.79
CA ASN A 153 19.62 2.65 2.40
C ASN A 153 19.80 3.56 1.19
N SER A 154 21.05 3.94 0.93
N SER A 154 21.06 3.93 0.95
CA SER A 154 21.33 4.73 -0.25
CA SER A 154 21.40 4.69 -0.25
C SER A 154 21.67 3.88 -1.45
C SER A 154 21.63 3.75 -1.42
N THR A 155 22.26 2.69 -1.24
N THR A 155 22.48 2.74 -1.25
CA THR A 155 22.69 1.83 -2.33
CA THR A 155 22.79 1.78 -2.30
C THR A 155 22.39 0.38 -1.98
C THR A 155 22.28 0.40 -1.93
N GLU A 156 21.78 -0.33 -2.93
CA GLU A 156 21.42 -1.74 -2.80
C GLU A 156 21.90 -2.44 -4.06
N LYS A 157 22.47 -3.64 -3.89
CA LYS A 157 22.92 -4.43 -5.02
C LYS A 157 21.79 -5.33 -5.50
N THR A 158 21.60 -5.40 -6.82
CA THR A 158 20.52 -6.21 -7.35
C THR A 158 20.71 -7.70 -7.02
N ASP A 159 19.60 -8.40 -6.85
CA ASP A 159 19.61 -9.83 -6.59
C ASP A 159 19.64 -10.59 -7.91
N THR A 160 19.53 -11.92 -7.83
CA THR A 160 19.73 -12.73 -9.02
C THR A 160 18.65 -12.50 -10.07
N ASN A 161 17.55 -11.88 -9.70
CA ASN A 161 16.47 -11.57 -10.62
C ASN A 161 16.51 -10.12 -11.09
N GLY A 162 17.56 -9.39 -10.72
CA GLY A 162 17.76 -8.04 -11.19
C GLY A 162 17.14 -6.97 -10.33
N TYR A 163 16.61 -7.31 -9.17
CA TYR A 163 15.85 -6.37 -8.37
C TYR A 163 16.65 -5.83 -7.20
N ALA A 164 16.48 -4.53 -6.94
CA ALA A 164 16.97 -3.85 -5.75
C ALA A 164 15.80 -3.11 -5.15
N LYS A 165 15.67 -3.14 -3.82
CA LYS A 165 14.56 -2.47 -3.17
C LYS A 165 15.04 -1.68 -1.96
N VAL A 166 14.35 -0.57 -1.71
CA VAL A 166 14.52 0.23 -0.51
C VAL A 166 13.13 0.65 -0.04
N THR A 167 13.03 1.04 1.23
CA THR A 167 11.81 1.59 1.78
C THR A 167 12.03 3.04 2.16
N LEU A 168 10.92 3.79 2.20
CA LEU A 168 10.93 5.21 2.50
C LEU A 168 9.88 5.51 3.56
N THR A 169 10.30 6.17 4.63
CA THR A 169 9.39 6.69 5.64
C THR A 169 9.58 8.21 5.75
N SER A 170 8.66 8.86 6.45
CA SER A 170 8.78 10.29 6.68
C SER A 170 8.05 10.66 7.96
N THR A 171 8.69 11.50 8.76
CA THR A 171 8.07 12.07 9.95
C THR A 171 7.36 13.40 9.66
N THR A 172 7.43 13.90 8.44
CA THR A 172 6.73 15.13 8.07
C THR A 172 5.95 14.91 6.78
N PRO A 173 4.83 15.61 6.61
CA PRO A 173 4.01 15.41 5.41
C PRO A 173 4.58 16.13 4.20
N GLY A 174 4.17 15.65 3.04
CA GLY A 174 4.53 16.30 1.79
C GLY A 174 4.74 15.29 0.68
N LYS A 175 4.91 15.84 -0.53
CA LYS A 175 5.21 15.02 -1.70
C LYS A 175 6.68 14.63 -1.69
N SER A 176 6.95 13.39 -2.09
CA SER A 176 8.32 12.89 -2.14
C SER A 176 8.60 12.27 -3.50
N LEU A 177 9.75 12.61 -4.06
CA LEU A 177 10.21 12.07 -5.33
C LEU A 177 11.48 11.28 -5.09
N VAL A 178 11.41 9.96 -5.30
CA VAL A 178 12.58 9.09 -5.22
C VAL A 178 13.17 8.96 -6.62
N SER A 179 14.49 9.02 -6.70
CA SER A 179 15.23 8.82 -7.94
C SER A 179 16.20 7.66 -7.77
N ALA A 180 16.60 7.07 -8.90
CA ALA A 180 17.51 5.94 -8.90
C ALA A 180 18.46 6.04 -10.07
N ARG A 181 19.63 5.42 -9.93
CA ARG A 181 20.63 5.45 -10.98
C ARG A 181 21.57 4.27 -10.82
N VAL A 182 22.18 3.89 -11.94
CA VAL A 182 23.31 2.97 -11.95
C VAL A 182 24.47 3.68 -12.63
N SER A 183 25.67 3.14 -12.43
CA SER A 183 26.85 3.74 -13.03
C SER A 183 26.81 3.61 -14.54
N ASP A 184 27.35 4.62 -15.21
CA ASP A 184 27.62 4.66 -16.65
C ASP A 184 26.37 4.76 -17.52
N VAL A 185 25.19 4.93 -16.95
CA VAL A 185 23.97 5.17 -17.72
C VAL A 185 23.47 6.57 -17.39
N ALA A 186 23.36 7.41 -18.41
CA ALA A 186 23.07 8.83 -18.23
C ALA A 186 21.55 9.06 -18.21
N VAL A 187 20.88 8.42 -17.25
CA VAL A 187 19.44 8.56 -17.09
C VAL A 187 19.14 8.74 -15.60
N ASP A 188 18.50 9.87 -15.27
CA ASP A 188 18.05 10.18 -13.91
C ASP A 188 16.67 9.57 -13.72
N VAL A 189 16.64 8.31 -13.29
CA VAL A 189 15.38 7.57 -13.27
C VAL A 189 14.51 8.06 -12.11
N LYS A 190 13.30 8.48 -12.42
CA LYS A 190 12.37 9.01 -11.44
C LYS A 190 11.28 7.99 -11.13
N ALA A 191 11.01 7.78 -9.84
CA ALA A 191 9.89 6.97 -9.43
C ALA A 191 8.60 7.78 -9.50
N PRO A 192 7.44 7.13 -9.45
CA PRO A 192 6.19 7.88 -9.25
C PRO A 192 6.30 8.76 -8.01
N GLU A 193 5.78 9.97 -8.12
CA GLU A 193 5.67 10.83 -6.94
C GLU A 193 4.71 10.19 -5.94
N VAL A 194 5.04 10.30 -4.65
CA VAL A 194 4.20 9.83 -3.57
C VAL A 194 3.96 10.99 -2.62
N GLU A 195 3.06 10.78 -1.65
CA GLU A 195 2.76 11.83 -0.68
C GLU A 195 2.53 11.25 0.70
N PHE A 196 3.14 11.87 1.71
CA PHE A 196 2.96 11.53 3.11
C PHE A 196 2.00 12.52 3.75
N PHE A 197 1.11 12.01 4.61
CA PHE A 197 0.12 12.81 5.30
C PHE A 197 0.20 12.54 6.79
N THR A 198 0.07 13.60 7.58
CA THR A 198 0.04 13.46 9.05
C THR A 198 -1.24 12.75 9.48
N VAL B 4 12.33 10.45 24.34
CA VAL B 4 11.97 9.08 24.66
C VAL B 4 10.54 8.80 24.24
N GLY B 5 10.33 7.76 23.44
CA GLY B 5 8.99 7.44 22.98
C GLY B 5 8.88 5.99 22.56
N VAL B 6 7.64 5.52 22.52
CA VAL B 6 7.34 4.21 21.97
C VAL B 6 7.34 4.30 20.45
N THR B 7 8.14 3.45 19.80
CA THR B 7 8.24 3.44 18.35
C THR B 7 7.56 2.24 17.71
N ASP B 8 7.10 1.28 18.51
CA ASP B 8 6.48 0.06 18.01
C ASP B 8 5.74 -0.64 19.13
N PHE B 9 4.51 -1.09 18.87
CA PHE B 9 3.70 -1.78 19.88
C PHE B 9 2.93 -2.88 19.14
N THR B 10 3.39 -4.12 19.28
CA THR B 10 2.93 -5.23 18.46
C THR B 10 2.58 -6.43 19.34
N ALA B 11 1.72 -7.29 18.80
CA ALA B 11 1.24 -8.48 19.49
C ALA B 11 1.69 -9.73 18.72
N ASP B 12 1.95 -10.80 19.46
CA ASP B 12 2.41 -12.05 18.87
C ASP B 12 1.28 -12.83 18.20
N LYS B 13 0.03 -12.42 18.40
CA LYS B 13 -1.13 -13.11 17.85
C LYS B 13 -2.14 -12.07 17.38
N THR B 14 -2.95 -12.45 16.40
CA THR B 14 -4.07 -11.61 15.98
C THR B 14 -5.37 -12.00 16.69
N SER B 15 -5.45 -13.22 17.21
CA SER B 15 -6.64 -13.69 17.88
C SER B 15 -6.26 -14.74 18.92
N ALA B 16 -7.18 -15.02 19.82
CA ALA B 16 -7.01 -16.06 20.82
C ALA B 16 -8.38 -16.59 21.20
N LYS B 17 -8.38 -17.69 21.94
CA LYS B 17 -9.63 -18.20 22.48
C LYS B 17 -10.15 -17.28 23.57
N ALA B 18 -11.47 -17.10 23.61
CA ALA B 18 -12.11 -16.33 24.67
C ALA B 18 -12.35 -17.22 25.88
N ASP B 19 -11.33 -17.99 26.27
CA ASP B 19 -11.43 -18.95 27.38
C ASP B 19 -10.82 -18.43 28.67
N GLY B 20 -10.41 -17.16 28.70
CA GLY B 20 -9.78 -16.59 29.88
C GLY B 20 -8.43 -17.21 30.19
N THR B 21 -7.91 -18.01 29.27
CA THR B 21 -6.65 -18.72 29.50
C THR B 21 -5.60 -18.42 28.45
N GLU B 22 -5.94 -18.49 27.17
CA GLU B 22 -4.95 -18.22 26.13
C GLU B 22 -4.49 -16.76 26.21
N ALA B 23 -3.19 -16.55 26.05
CA ALA B 23 -2.59 -15.23 26.20
C ALA B 23 -2.20 -14.65 24.85
N ILE B 24 -2.44 -13.34 24.69
CA ILE B 24 -1.83 -12.54 23.64
C ILE B 24 -0.77 -11.68 24.29
N THR B 25 0.46 -11.79 23.80
CA THR B 25 1.61 -11.09 24.38
C THR B 25 1.97 -9.89 23.50
N TYR B 26 1.96 -8.70 24.10
CA TYR B 26 2.33 -7.47 23.42
C TYR B 26 3.78 -7.11 23.74
N THR B 27 4.42 -6.41 22.82
CA THR B 27 5.79 -5.95 23.01
C THR B 27 5.90 -4.49 22.59
N ALA B 28 6.20 -3.62 23.55
CA ALA B 28 6.45 -2.21 23.26
C ALA B 28 7.94 -1.98 23.09
N THR B 29 8.29 -1.19 22.09
CA THR B 29 9.67 -0.77 21.84
C THR B 29 9.79 0.72 22.18
N VAL B 30 10.80 1.06 22.97
CA VAL B 30 11.07 2.44 23.36
C VAL B 30 12.47 2.80 22.87
N LYS B 31 12.58 3.94 22.21
CA LYS B 31 13.86 4.35 21.63
C LYS B 31 14.07 5.84 21.82
N LYS B 32 15.34 6.24 21.77
CA LYS B 32 15.77 7.64 21.75
C LYS B 32 16.69 7.77 20.55
N ASN B 33 16.22 8.47 19.51
CA ASN B 33 16.98 8.62 18.27
C ASN B 33 17.49 7.27 17.78
N GLY B 34 16.59 6.29 17.79
CA GLY B 34 16.86 5.00 17.19
C GLY B 34 17.58 4.01 18.07
N VAL B 35 17.96 4.38 19.28
CA VAL B 35 18.67 3.49 20.19
C VAL B 35 17.72 3.07 21.30
N ALA B 36 17.84 1.81 21.72
CA ALA B 36 16.98 1.30 22.78
C ALA B 36 17.15 2.12 24.06
N GLN B 37 16.10 2.12 24.88
CA GLN B 37 16.10 2.84 26.15
C GLN B 37 15.59 1.89 27.23
N ALA B 38 16.50 1.46 28.10
CA ALA B 38 16.16 0.52 29.15
C ALA B 38 15.61 1.25 30.37
N ASN B 39 15.00 0.48 31.27
CA ASN B 39 14.53 1.00 32.56
C ASN B 39 13.57 2.18 32.40
N VAL B 40 12.76 2.15 31.35
CA VAL B 40 11.80 3.21 31.05
C VAL B 40 10.41 2.69 31.38
N PRO B 41 9.60 3.41 32.16
CA PRO B 41 8.25 2.93 32.46
C PRO B 41 7.30 3.16 31.28
N VAL B 42 6.62 2.10 30.87
CA VAL B 42 5.67 2.15 29.75
C VAL B 42 4.28 1.86 30.30
N SER B 43 3.37 2.79 30.09
CA SER B 43 1.99 2.61 30.55
C SER B 43 1.19 1.85 29.51
N PHE B 44 0.49 0.80 29.95
CA PHE B 44 -0.39 0.03 29.10
C PHE B 44 -1.83 0.27 29.51
N ASN B 45 -2.74 0.33 28.54
CA ASN B 45 -4.14 0.52 28.84
C ASN B 45 -5.02 -0.17 27.82
N ILE B 46 -6.08 -0.81 28.28
CA ILE B 46 -7.14 -1.29 27.40
C ILE B 46 -7.97 -0.09 26.99
N VAL B 47 -7.86 0.29 25.71
CA VAL B 47 -8.60 1.44 25.19
C VAL B 47 -10.05 1.08 24.91
N SER B 48 -10.30 -0.15 24.47
CA SER B 48 -11.64 -0.59 24.15
C SER B 48 -11.66 -2.11 24.19
N GLY B 49 -12.83 -2.66 24.53
CA GLY B 49 -13.01 -4.09 24.61
C GLY B 49 -12.92 -4.61 26.04
N THR B 50 -13.23 -5.89 26.18
CA THR B 50 -13.29 -6.54 27.49
C THR B 50 -12.18 -7.57 27.58
N ALA B 51 -11.30 -7.41 28.56
CA ALA B 51 -10.12 -8.26 28.71
C ALA B 51 -9.37 -7.89 29.97
N VAL B 52 -8.31 -8.62 30.29
CA VAL B 52 -7.52 -8.36 31.49
C VAL B 52 -6.06 -8.25 31.09
N LEU B 53 -5.43 -7.13 31.45
CA LEU B 53 -4.00 -6.94 31.29
C LEU B 53 -3.25 -7.51 32.48
N SER B 54 -2.06 -8.05 32.21
CA SER B 54 -1.25 -8.57 33.31
C SER B 54 -0.63 -7.45 34.13
N ALA B 55 -0.40 -6.28 33.53
CA ALA B 55 0.19 -5.16 34.24
C ALA B 55 -0.25 -3.85 33.58
N ASN B 56 -0.13 -2.77 34.35
CA ASN B 56 -0.52 -1.44 33.91
C ASN B 56 0.67 -0.57 33.56
N SER B 57 1.86 -0.93 34.01
CA SER B 57 3.07 -0.17 33.73
C SER B 57 4.25 -1.11 33.92
N ALA B 58 5.04 -1.31 32.88
CA ALA B 58 6.20 -2.17 32.93
C ALA B 58 7.41 -1.43 32.41
N ASN B 59 8.57 -1.74 32.97
CA ASN B 59 9.80 -1.07 32.61
C ASN B 59 10.52 -1.84 31.50
N THR B 60 11.05 -1.09 30.54
CA THR B 60 11.78 -1.70 29.44
C THR B 60 13.02 -2.40 29.95
N ASN B 61 13.42 -3.46 29.25
CA ASN B 61 14.56 -4.26 29.66
C ASN B 61 15.84 -3.71 29.04
N GLY B 62 16.91 -4.51 29.09
CA GLY B 62 18.17 -4.13 28.48
C GLY B 62 18.16 -4.07 26.97
N SER B 63 17.01 -4.32 26.33
CA SER B 63 16.87 -4.20 24.89
C SER B 63 15.84 -3.15 24.51
N GLY B 64 15.35 -2.37 25.48
CA GLY B 64 14.31 -1.40 25.21
C GLY B 64 12.92 -1.98 25.04
N LYS B 65 12.75 -3.26 25.36
CA LYS B 65 11.46 -3.93 25.21
C LYS B 65 10.76 -4.04 26.55
N ALA B 66 9.44 -3.87 26.53
CA ALA B 66 8.57 -4.11 27.67
C ALA B 66 7.38 -4.90 27.16
N THR B 67 6.99 -5.94 27.89
CA THR B 67 5.91 -6.81 27.44
C THR B 67 4.78 -6.85 28.46
N VAL B 68 3.62 -7.31 27.98
CA VAL B 68 2.42 -7.43 28.79
C VAL B 68 1.55 -8.47 28.11
N THR B 69 0.68 -9.12 28.88
CA THR B 69 -0.18 -10.16 28.34
C THR B 69 -1.65 -9.76 28.47
N LEU B 70 -2.47 -10.35 27.61
CA LEU B 70 -3.89 -10.05 27.54
C LEU B 70 -4.66 -11.36 27.41
N LYS B 71 -5.64 -11.53 28.29
CA LYS B 71 -6.53 -12.69 28.27
C LYS B 71 -7.96 -12.17 28.31
N SER B 72 -8.92 -13.03 27.96
CA SER B 72 -10.30 -12.59 28.02
C SER B 72 -11.25 -13.78 27.94
N ASP B 73 -12.38 -13.63 28.63
CA ASP B 73 -13.46 -14.61 28.63
C ASP B 73 -14.59 -14.23 27.68
N LYS B 74 -14.50 -13.08 27.02
CA LYS B 74 -15.62 -12.55 26.24
C LYS B 74 -15.24 -12.45 24.76
N PRO B 75 -15.91 -13.17 23.87
CA PRO B 75 -15.68 -12.96 22.43
C PRO B 75 -15.82 -11.48 22.08
N GLY B 76 -14.82 -10.94 21.42
CA GLY B 76 -14.84 -9.54 21.05
C GLY B 76 -13.45 -9.03 20.70
N GLN B 77 -13.43 -7.74 20.35
CA GLN B 77 -12.25 -7.06 19.86
C GLN B 77 -11.69 -6.17 20.96
N VAL B 78 -10.36 -6.11 21.06
CA VAL B 78 -9.70 -5.35 22.11
C VAL B 78 -8.56 -4.54 21.51
N VAL B 79 -8.47 -3.28 21.91
CA VAL B 79 -7.36 -2.39 21.54
C VAL B 79 -6.60 -2.06 22.82
N VAL B 80 -5.28 -2.31 22.80
CA VAL B 80 -4.40 -1.93 23.89
C VAL B 80 -3.47 -0.83 23.42
N SER B 81 -3.09 0.07 24.32
CA SER B 81 -2.20 1.17 24.00
C SER B 81 -0.96 1.12 24.88
N ALA B 82 0.10 1.78 24.41
CA ALA B 82 1.36 1.90 25.13
C ALA B 82 1.81 3.36 25.10
N LYS B 83 2.36 3.84 26.22
CA LYS B 83 2.73 5.24 26.32
C LYS B 83 3.87 5.41 27.30
N THR B 84 4.70 6.43 27.05
CA THR B 84 5.72 6.88 27.98
C THR B 84 5.39 8.31 28.41
N ALA B 85 6.08 8.77 29.46
CA ALA B 85 5.74 10.05 30.06
C ALA B 85 5.90 11.21 29.09
N GLU B 86 6.82 11.10 28.14
CA GLU B 86 7.07 12.20 27.21
C GLU B 86 6.09 12.20 26.05
N MET B 87 5.64 11.03 25.60
CA MET B 87 4.70 10.96 24.50
C MET B 87 3.44 11.73 24.83
N THR B 88 3.00 12.57 23.89
CA THR B 88 1.79 13.37 24.11
C THR B 88 0.54 12.50 24.11
N SER B 89 0.53 11.44 23.30
CA SER B 89 -0.59 10.53 23.23
C SER B 89 -0.08 9.10 23.16
N ALA B 90 -0.86 8.16 23.71
CA ALA B 90 -0.50 6.76 23.64
C ALA B 90 -0.56 6.26 22.20
N LEU B 91 0.27 5.26 21.90
CA LEU B 91 0.26 4.58 20.62
C LEU B 91 -0.61 3.33 20.74
N ASN B 92 -1.66 3.25 19.92
CA ASN B 92 -2.54 2.09 19.95
C ASN B 92 -1.96 0.96 19.11
N ALA B 93 -2.05 -0.25 19.65
CA ALA B 93 -1.78 -1.44 18.85
C ALA B 93 -2.97 -1.71 17.94
N ASN B 94 -2.73 -2.45 16.86
CA ASN B 94 -3.83 -2.99 16.09
C ASN B 94 -4.75 -3.80 16.99
N ALA B 95 -6.04 -3.82 16.66
CA ALA B 95 -7.00 -4.58 17.43
C ALA B 95 -6.74 -6.07 17.33
N VAL B 96 -7.02 -6.79 18.41
CA VAL B 96 -7.01 -8.25 18.43
C VAL B 96 -8.42 -8.71 18.72
N ILE B 97 -8.66 -10.01 18.53
CA ILE B 97 -9.98 -10.59 18.68
C ILE B 97 -9.89 -11.89 19.51
N PHE B 98 -10.75 -12.00 20.51
CA PHE B 98 -10.99 -13.25 21.20
C PHE B 98 -12.26 -13.88 20.65
N VAL B 99 -12.20 -15.19 20.40
CA VAL B 99 -13.24 -15.87 19.64
C VAL B 99 -13.72 -17.11 20.38
N ASP B 100 -14.99 -17.45 20.16
CA ASP B 100 -15.54 -18.73 20.57
C ASP B 100 -15.06 -19.80 19.60
N GLN B 101 -14.22 -20.72 20.07
CA GLN B 101 -13.62 -21.71 19.19
C GLN B 101 -14.69 -22.59 18.53
N THR B 102 -15.84 -22.75 19.17
CA THR B 102 -16.88 -23.63 18.63
C THR B 102 -17.74 -22.94 17.58
N LYS B 103 -17.47 -21.67 17.26
CA LYS B 103 -18.31 -20.91 16.35
C LYS B 103 -17.45 -20.28 15.26
N ALA B 104 -17.95 -20.36 14.01
CA ALA B 104 -17.27 -19.72 12.89
C ALA B 104 -17.20 -18.22 13.13
N SER B 105 -15.98 -17.69 13.23
CA SER B 105 -15.79 -16.31 13.66
C SER B 105 -14.66 -15.65 12.86
N ILE B 106 -14.80 -14.35 12.66
CA ILE B 106 -13.71 -13.54 12.13
C ILE B 106 -12.58 -13.54 13.14
N THR B 107 -11.38 -13.94 12.68
CA THR B 107 -10.21 -13.96 13.55
C THR B 107 -9.20 -12.86 13.22
N GLU B 108 -9.34 -12.19 12.08
CA GLU B 108 -8.42 -11.12 11.72
C GLU B 108 -9.07 -10.26 10.65
N ILE B 109 -8.67 -8.98 10.62
CA ILE B 109 -9.11 -8.05 9.58
C ILE B 109 -7.95 -7.09 9.34
N LYS B 110 -7.46 -7.04 8.10
CA LYS B 110 -6.29 -6.24 7.77
C LYS B 110 -6.58 -5.33 6.58
N ALA B 111 -6.00 -4.14 6.63
CA ALA B 111 -5.98 -3.20 5.52
C ALA B 111 -4.58 -3.18 4.92
N ASP B 112 -4.49 -3.21 3.58
CA ASP B 112 -3.17 -3.25 2.97
C ASP B 112 -2.43 -1.92 3.16
N LYS B 113 -3.18 -0.82 3.21
CA LYS B 113 -2.64 0.49 3.55
C LYS B 113 -3.76 1.23 4.29
N THR B 114 -3.43 2.38 4.89
CA THR B 114 -4.44 3.17 5.59
C THR B 114 -4.56 4.58 5.03
N THR B 115 -4.03 4.81 3.82
CA THR B 115 -4.13 6.10 3.16
C THR B 115 -4.47 5.85 1.69
N ALA B 116 -5.22 6.77 1.10
CA ALA B 116 -5.51 6.67 -0.33
C ALA B 116 -5.91 8.06 -0.84
N VAL B 117 -5.83 8.22 -2.15
CA VAL B 117 -6.27 9.45 -2.79
C VAL B 117 -7.78 9.40 -2.97
N ALA B 118 -8.44 10.54 -2.75
CA ALA B 118 -9.90 10.61 -2.82
C ALA B 118 -10.34 10.91 -4.26
N ASN B 119 -9.92 10.05 -5.18
CA ASN B 119 -10.24 10.22 -6.59
C ASN B 119 -11.22 9.16 -7.10
N GLY B 120 -11.77 8.34 -6.21
CA GLY B 120 -12.70 7.31 -6.62
C GLY B 120 -12.07 6.14 -7.33
N GLN B 121 -10.75 6.05 -7.39
CA GLN B 121 -10.04 4.98 -8.06
C GLN B 121 -9.02 4.29 -7.16
N ASP B 122 -8.25 5.06 -6.38
CA ASP B 122 -7.28 4.50 -5.45
C ASP B 122 -8.01 3.70 -4.36
N ALA B 123 -7.73 2.40 -4.31
CA ALA B 123 -8.49 1.48 -3.47
C ALA B 123 -7.65 0.97 -2.32
N ILE B 124 -8.29 0.87 -1.15
CA ILE B 124 -7.74 0.17 0.01
C ILE B 124 -8.38 -1.20 0.08
N THR B 125 -7.58 -2.24 0.28
CA THR B 125 -8.09 -3.61 0.31
C THR B 125 -8.15 -4.12 1.74
N TYR B 126 -9.32 -4.61 2.13
CA TYR B 126 -9.55 -5.23 3.42
C TYR B 126 -9.66 -6.73 3.23
N THR B 127 -8.96 -7.49 4.07
CA THR B 127 -8.98 -8.95 4.00
C THR B 127 -9.28 -9.49 5.38
N VAL B 128 -10.34 -10.28 5.50
CA VAL B 128 -10.68 -10.95 6.75
C VAL B 128 -10.45 -12.44 6.61
N LYS B 129 -10.28 -13.10 7.75
CA LYS B 129 -10.21 -14.55 7.83
C LYS B 129 -11.28 -15.04 8.80
N VAL B 130 -11.91 -16.17 8.46
CA VAL B 130 -12.90 -16.79 9.32
C VAL B 130 -12.41 -18.16 9.73
N MET B 131 -12.56 -18.51 11.00
CA MET B 131 -12.08 -19.77 11.52
C MET B 131 -13.08 -20.35 12.50
N LYS B 132 -13.08 -21.68 12.60
CA LYS B 132 -13.78 -22.42 13.64
C LYS B 132 -12.82 -23.47 14.15
N GLY B 133 -12.45 -23.38 15.43
CA GLY B 133 -11.34 -24.19 15.92
C GLY B 133 -10.03 -23.66 15.36
N ASP B 134 -9.14 -24.58 15.00
CA ASP B 134 -7.90 -24.24 14.31
C ASP B 134 -8.03 -24.36 12.80
N LYS B 135 -9.25 -24.31 12.26
CA LYS B 135 -9.49 -24.59 10.87
C LYS B 135 -10.16 -23.40 10.19
N PRO B 136 -9.71 -23.00 9.00
CA PRO B 136 -10.44 -21.97 8.25
C PRO B 136 -11.80 -22.48 7.80
N VAL B 137 -12.73 -21.54 7.63
CA VAL B 137 -14.10 -21.85 7.23
C VAL B 137 -14.31 -21.29 5.83
N SER B 138 -14.64 -22.17 4.88
CA SER B 138 -14.86 -21.77 3.50
C SER B 138 -16.34 -21.51 3.26
N ASN B 139 -16.61 -20.58 2.33
CA ASN B 139 -17.96 -20.26 1.89
C ASN B 139 -18.80 -19.64 3.01
N GLN B 140 -18.14 -19.02 3.97
CA GLN B 140 -18.81 -18.23 5.00
C GLN B 140 -19.05 -16.82 4.49
N GLU B 141 -20.29 -16.34 4.60
CA GLU B 141 -20.65 -15.03 4.08
C GLU B 141 -20.22 -13.96 5.07
N VAL B 142 -19.37 -13.04 4.62
CA VAL B 142 -18.92 -11.92 5.43
C VAL B 142 -19.62 -10.67 4.93
N THR B 143 -20.16 -9.87 5.84
CA THR B 143 -20.85 -8.63 5.52
C THR B 143 -19.99 -7.44 5.93
N PHE B 144 -19.75 -6.53 5.00
CA PHE B 144 -18.90 -5.37 5.23
C PHE B 144 -19.75 -4.11 5.21
N THR B 145 -19.40 -3.14 6.05
CA THR B 145 -19.99 -1.81 6.03
C THR B 145 -18.89 -0.77 6.10
N THR B 146 -19.21 0.46 5.69
CA THR B 146 -18.27 1.57 5.81
C THR B 146 -19.00 2.84 6.18
N THR B 147 -18.29 3.73 6.88
CA THR B 147 -18.80 5.06 7.18
C THR B 147 -18.54 6.07 6.06
N LEU B 148 -17.64 5.76 5.14
CA LEU B 148 -17.27 6.71 4.10
C LEU B 148 -16.72 5.95 2.90
N GLY B 149 -17.15 6.35 1.71
CA GLY B 149 -16.66 5.76 0.48
C GLY B 149 -17.57 4.67 -0.04
N LYS B 150 -17.10 3.99 -1.08
CA LYS B 150 -17.86 2.93 -1.72
C LYS B 150 -17.10 1.61 -1.61
N LEU B 151 -17.76 0.61 -1.05
CA LEU B 151 -17.21 -0.74 -1.00
C LEU B 151 -17.47 -1.48 -2.31
N SER B 152 -16.53 -2.36 -2.67
CA SER B 152 -16.71 -3.17 -3.87
C SER B 152 -17.90 -4.13 -3.74
N ASN B 153 -18.28 -4.48 -2.51
CA ASN B 153 -19.47 -5.28 -2.28
C ASN B 153 -19.83 -5.18 -0.80
N SER B 154 -21.08 -5.52 -0.49
CA SER B 154 -21.53 -5.63 0.89
C SER B 154 -21.26 -7.00 1.49
N THR B 155 -21.33 -8.05 0.69
CA THR B 155 -21.06 -9.40 1.16
C THR B 155 -20.09 -10.12 0.24
N GLU B 156 -19.18 -10.89 0.84
CA GLU B 156 -18.26 -11.78 0.15
C GLU B 156 -18.18 -13.08 0.93
N LYS B 157 -18.04 -14.19 0.21
CA LYS B 157 -17.87 -15.49 0.82
C LYS B 157 -16.39 -15.83 0.92
N THR B 158 -16.00 -16.40 2.07
CA THR B 158 -14.61 -16.79 2.27
C THR B 158 -14.21 -17.86 1.25
N ASP B 159 -12.93 -17.88 0.90
CA ASP B 159 -12.42 -18.85 -0.05
C ASP B 159 -11.97 -20.10 0.71
N THR B 160 -11.38 -21.06 -0.02
CA THR B 160 -10.99 -22.31 0.60
C THR B 160 -10.01 -22.11 1.74
N ASN B 161 -9.26 -21.01 1.73
CA ASN B 161 -8.29 -20.71 2.78
C ASN B 161 -8.91 -19.92 3.93
N GLY B 162 -10.21 -19.66 3.88
CA GLY B 162 -10.89 -18.93 4.92
C GLY B 162 -10.91 -17.42 4.77
N TYR B 163 -10.46 -16.90 3.63
CA TYR B 163 -10.27 -15.46 3.46
C TYR B 163 -11.34 -14.87 2.55
N ALA B 164 -11.75 -13.65 2.87
CA ALA B 164 -12.64 -12.84 2.06
C ALA B 164 -12.12 -11.41 2.07
N LYS B 165 -12.23 -10.73 0.92
CA LYS B 165 -11.71 -9.38 0.80
C LYS B 165 -12.67 -8.49 0.02
N VAL B 166 -12.64 -7.21 0.35
CA VAL B 166 -13.34 -6.17 -0.40
C VAL B 166 -12.39 -5.00 -0.56
N THR B 167 -12.74 -4.08 -1.46
CA THR B 167 -11.98 -2.86 -1.63
C THR B 167 -12.86 -1.64 -1.37
N LEU B 168 -12.21 -0.54 -1.03
CA LEU B 168 -12.88 0.72 -0.69
C LEU B 168 -12.23 1.86 -1.46
N THR B 169 -13.05 2.64 -2.16
CA THR B 169 -12.63 3.88 -2.78
C THR B 169 -13.51 5.01 -2.24
N SER B 170 -13.11 6.24 -2.53
CA SER B 170 -13.93 7.38 -2.16
C SER B 170 -13.60 8.56 -3.06
N THR B 171 -14.63 9.28 -3.47
CA THR B 171 -14.47 10.54 -4.21
C THR B 171 -14.44 11.75 -3.29
N THR B 172 -14.60 11.55 -1.99
CA THR B 172 -14.57 12.64 -1.01
C THR B 172 -13.55 12.31 0.06
N PRO B 173 -12.76 13.29 0.50
CA PRO B 173 -11.74 13.01 1.51
C PRO B 173 -12.35 12.89 2.90
N GLY B 174 -11.58 12.23 3.77
CA GLY B 174 -12.00 12.03 5.14
C GLY B 174 -11.61 10.67 5.68
N LYS B 175 -11.82 10.46 6.97
CA LYS B 175 -11.56 9.18 7.59
C LYS B 175 -12.70 8.22 7.32
N SER B 176 -12.38 6.93 7.23
CA SER B 176 -13.39 5.92 6.96
C SER B 176 -13.16 4.72 7.86
N LEU B 177 -14.25 4.22 8.45
CA LEU B 177 -14.21 3.04 9.30
C LEU B 177 -15.01 1.93 8.64
N VAL B 178 -14.33 0.83 8.31
CA VAL B 178 -14.95 -0.36 7.76
C VAL B 178 -15.12 -1.38 8.88
N SER B 179 -16.30 -2.01 8.91
N SER B 179 -16.29 -2.02 8.93
CA SER B 179 -16.62 -3.07 9.86
CA SER B 179 -16.51 -3.11 9.87
C SER B 179 -16.98 -4.34 9.09
C SER B 179 -17.00 -4.33 9.12
N ALA B 180 -16.81 -5.48 9.74
CA ALA B 180 -17.17 -6.77 9.15
C ALA B 180 -17.84 -7.62 10.22
N ARG B 181 -18.72 -8.52 9.77
CA ARG B 181 -19.45 -9.39 10.68
C ARG B 181 -19.80 -10.69 9.97
N VAL B 182 -20.03 -11.72 10.75
CA VAL B 182 -20.60 -12.98 10.26
C VAL B 182 -21.83 -13.29 11.09
N SER B 183 -22.74 -14.04 10.49
CA SER B 183 -23.97 -14.41 11.18
C SER B 183 -23.65 -15.18 12.46
N ASP B 184 -24.53 -15.00 13.46
CA ASP B 184 -24.55 -15.73 14.72
C ASP B 184 -23.36 -15.42 15.62
N VAL B 185 -22.51 -14.46 15.27
CA VAL B 185 -21.45 -13.97 16.15
C VAL B 185 -21.69 -12.48 16.33
N ALA B 186 -22.06 -12.08 17.54
CA ALA B 186 -22.45 -10.70 17.81
C ALA B 186 -21.21 -9.87 18.16
N VAL B 187 -20.37 -9.70 17.15
CA VAL B 187 -19.17 -8.87 17.23
C VAL B 187 -19.07 -8.06 15.94
N ASP B 188 -19.05 -6.73 16.07
CA ASP B 188 -18.83 -5.86 14.92
C ASP B 188 -17.32 -5.63 14.81
N VAL B 189 -16.68 -6.38 13.91
CA VAL B 189 -15.22 -6.41 13.82
C VAL B 189 -14.74 -5.17 13.07
N LYS B 190 -14.06 -4.27 13.76
CA LYS B 190 -13.62 -3.01 13.18
C LYS B 190 -12.26 -3.19 12.50
N ALA B 191 -12.17 -2.79 11.23
CA ALA B 191 -10.89 -2.71 10.55
C ALA B 191 -10.12 -1.49 11.05
N PRO B 192 -8.81 -1.44 10.80
CA PRO B 192 -8.06 -0.21 11.09
C PRO B 192 -8.70 0.98 10.39
N GLU B 193 -8.68 2.13 11.05
CA GLU B 193 -9.18 3.34 10.43
C GLU B 193 -8.28 3.75 9.27
N VAL B 194 -8.89 4.31 8.22
CA VAL B 194 -8.16 4.75 7.04
C VAL B 194 -8.62 6.16 6.70
N GLU B 195 -7.86 6.81 5.82
CA GLU B 195 -8.16 8.19 5.43
C GLU B 195 -7.88 8.41 3.96
N PHE B 196 -8.83 9.08 3.29
CA PHE B 196 -8.69 9.49 1.90
C PHE B 196 -8.34 10.96 1.83
N PHE B 197 -7.46 11.31 0.89
CA PHE B 197 -6.95 12.67 0.77
C PHE B 197 -7.11 13.15 -0.67
N THR B 198 -7.48 14.43 -0.83
CA THR B 198 -7.54 15.02 -2.16
C THR B 198 -6.12 15.15 -2.71
MG MG C . 4.18 -1.31 5.82
MG MG D . 8.08 -8.03 -14.94
MG MG E . 10.65 -6.04 -25.06
CL CL F . 11.95 11.61 8.09
CL CL G . 5.58 0.61 -13.96
MG MG H . -16.43 -19.03 28.93
CL CL I . -2.91 -1.31 9.62
#